data_3UXE
#
_entry.id   3UXE
#
_cell.length_a   56.553
_cell.length_b   83.953
_cell.length_c   106.815
_cell.angle_alpha   90.000
_cell.angle_beta   90.000
_cell.angle_gamma   90.000
#
_symmetry.space_group_name_H-M   'P 21 21 21'
#
loop_
_entity.id
_entity.type
_entity.pdbx_description
1 polymer 'Ribosyldihydronicotinamide dehydrogenase [quinone]'
2 non-polymer 'ZINC ION'
3 non-polymer 'FLAVIN-ADENINE DINUCLEOTIDE'
4 non-polymer 8-amino-7-chloro-1-methyl-6-(methylideneamino)-2-oxo-1,2-dihydropyrrolo[4,3,2-de]quinoline-4-carboxamide
5 non-polymer GLYCEROL
6 water water
#
_entity_poly.entity_id   1
_entity_poly.type   'polypeptide(L)'
_entity_poly.pdbx_seq_one_letter_code
;AGKKVLIVYAHQEPKSFNGSLKNVAVDELSRQGCTVTVSDLYAMNFEPRATDKDITGTLSNPEVFNYGVETHEAYKQRSL
ASDITDEQKKVREADLVIFQFPLYWFSVPAILKGWMDRVLCQGFAFDIPGFYDSGLLQGKLALLSVTTGGTAEMYTKTGV
NGDSRYFLWPLQHGTLHFCGFKVLAPQISFAPEIASEEERKGMVAAWSQRLQTIWKEEPIPCTAHWHFGQ
;
_entity_poly.pdbx_strand_id   A,B
#
# COMPACT_ATOMS: atom_id res chain seq x y z
N ALA A 1 -6.13 16.54 -27.12
CA ALA A 1 -7.35 17.06 -27.81
C ALA A 1 -8.30 16.01 -28.53
N GLY A 2 -9.64 16.00 -28.25
CA GLY A 2 -10.26 16.42 -26.96
C GLY A 2 -10.15 15.26 -25.97
N LYS A 3 -9.28 15.38 -24.98
CA LYS A 3 -9.10 14.34 -24.00
C LYS A 3 -8.94 15.03 -22.64
N LYS A 4 -9.36 14.35 -21.60
CA LYS A 4 -9.20 14.88 -20.26
C LYS A 4 -8.22 13.98 -19.48
N VAL A 5 -7.37 14.61 -18.71
CA VAL A 5 -6.40 13.86 -17.95
C VAL A 5 -6.50 14.27 -16.48
N LEU A 6 -6.51 13.30 -15.60
CA LEU A 6 -6.34 13.57 -14.14
C LEU A 6 -4.97 13.09 -13.69
N ILE A 7 -4.22 13.98 -13.02
CA ILE A 7 -2.95 13.53 -12.41
C ILE A 7 -3.19 13.42 -10.90
N VAL A 8 -2.99 12.25 -10.31
CA VAL A 8 -3.12 12.11 -8.84
C VAL A 8 -1.74 12.09 -8.35
N TYR A 9 -1.33 13.14 -7.64
CA TYR A 9 0.08 13.43 -7.27
C TYR A 9 0.27 13.32 -5.79
N ALA A 10 1.34 12.62 -5.40
CA ALA A 10 1.62 12.33 -4.02
C ALA A 10 3.06 12.62 -3.61
N HIS A 11 3.42 13.89 -3.52
CA HIS A 11 4.73 14.28 -2.95
C HIS A 11 4.53 15.55 -2.16
N GLN A 12 5.27 15.63 -1.08
CA GLN A 12 5.12 16.76 -0.17
C GLN A 12 5.77 18.06 -0.61
N GLU A 13 6.71 17.93 -1.53
CA GLU A 13 7.63 19.06 -1.89
C GLU A 13 7.52 19.43 -3.35
N PRO A 14 7.07 20.67 -3.62
CA PRO A 14 6.88 21.14 -5.03
C PRO A 14 8.18 21.17 -5.86
N LYS A 15 9.33 21.36 -5.18
CA LYS A 15 10.66 21.35 -5.82
C LYS A 15 11.28 19.96 -6.08
N SER A 16 10.58 18.92 -5.60
CA SER A 16 11.11 17.59 -5.78
C SER A 16 11.17 17.14 -7.18
N PHE A 17 11.85 16.04 -7.40
CA PHE A 17 11.86 15.36 -8.68
C PHE A 17 10.44 14.88 -9.14
N ASN A 18 9.67 14.35 -8.20
CA ASN A 18 8.26 14.03 -8.53
C ASN A 18 7.51 15.35 -8.89
N GLY A 19 7.75 16.45 -8.17
CA GLY A 19 7.06 17.72 -8.52
C GLY A 19 7.41 18.19 -9.92
N SER A 20 8.66 18.00 -10.27
CA SER A 20 9.07 18.34 -11.64
C SER A 20 8.40 17.43 -12.69
N LEU A 21 8.29 16.12 -12.44
CA LEU A 21 7.66 15.21 -13.39
C LEU A 21 6.15 15.60 -13.49
N LYS A 22 5.55 15.97 -12.34
CA LYS A 22 4.11 16.38 -12.39
C LYS A 22 3.99 17.67 -13.20
N ASN A 23 4.91 18.65 -12.94
CA ASN A 23 4.79 19.91 -13.65
C ASN A 23 5.04 19.78 -15.16
N VAL A 24 5.99 18.91 -15.56
CA VAL A 24 6.20 18.82 -17.01
C VAL A 24 5.02 18.05 -17.70
N ALA A 25 4.33 17.20 -16.93
CA ALA A 25 3.17 16.55 -17.47
C ALA A 25 2.02 17.58 -17.72
N VAL A 26 1.80 18.41 -16.67
CA VAL A 26 0.84 19.52 -16.85
C VAL A 26 1.22 20.38 -18.04
N ASP A 27 2.49 20.77 -18.14
CA ASP A 27 2.97 21.71 -19.16
C ASP A 27 2.72 21.07 -20.58
N GLU A 28 3.12 19.78 -20.74
CA GLU A 28 3.08 19.15 -22.06
C GLU A 28 1.63 18.77 -22.47
N LEU A 29 0.87 18.24 -21.50
CA LEU A 29 -0.55 17.94 -21.82
C LEU A 29 -1.34 19.24 -22.04
N SER A 30 -1.00 20.27 -21.27
CA SER A 30 -1.69 21.59 -21.51
C SER A 30 -1.36 22.12 -22.92
N ARG A 31 -0.07 22.05 -23.29
CA ARG A 31 0.36 22.42 -24.61
C ARG A 31 -0.36 21.71 -25.82
N GLN A 32 -0.65 20.43 -25.60
CA GLN A 32 -1.35 19.68 -26.60
C GLN A 32 -2.81 20.08 -26.76
N GLY A 33 -3.30 20.77 -25.75
CA GLY A 33 -4.74 21.26 -25.77
C GLY A 33 -5.62 20.29 -24.95
N CYS A 34 -5.04 19.38 -24.21
CA CYS A 34 -5.79 18.50 -23.34
C CYS A 34 -6.37 19.26 -22.15
N THR A 35 -7.42 18.71 -21.55
CA THR A 35 -7.99 19.26 -20.28
C THR A 35 -7.30 18.55 -19.17
N VAL A 36 -6.71 19.28 -18.26
CA VAL A 36 -5.86 18.67 -17.22
C VAL A 36 -6.33 19.12 -15.83
N THR A 37 -6.40 18.17 -14.88
CA THR A 37 -6.75 18.42 -13.46
C THR A 37 -5.71 17.68 -12.69
N VAL A 38 -5.26 18.27 -11.57
CA VAL A 38 -4.24 17.64 -10.69
C VAL A 38 -4.92 17.53 -9.29
N SER A 39 -4.86 16.33 -8.72
CA SER A 39 -5.22 16.19 -7.28
C SER A 39 -3.97 16.08 -6.50
N ASP A 40 -3.56 17.17 -5.85
CA ASP A 40 -2.33 17.26 -5.08
C ASP A 40 -2.65 16.83 -3.66
N LEU A 41 -2.45 15.51 -3.46
CA LEU A 41 -3.07 14.93 -2.21
C LEU A 41 -2.49 15.53 -0.93
N TYR A 42 -1.17 15.78 -0.80
CA TYR A 42 -0.66 16.37 0.45
C TYR A 42 -1.19 17.79 0.63
N ALA A 43 -1.22 18.59 -0.47
CA ALA A 43 -1.70 20.01 -0.36
C ALA A 43 -3.17 20.03 0.03
N MET A 44 -3.90 18.97 -0.35
CA MET A 44 -5.38 18.85 0.00
C MET A 44 -5.55 18.28 1.39
N ASN A 45 -4.42 17.90 2.04
CA ASN A 45 -4.45 17.15 3.31
C ASN A 45 -5.47 15.96 3.19
N PHE A 46 -5.36 15.26 2.08
CA PHE A 46 -6.36 14.19 1.75
C PHE A 46 -6.41 13.15 2.87
N GLU A 47 -7.62 12.81 3.30
CA GLU A 47 -7.76 11.81 4.34
C GLU A 47 -7.49 10.41 3.76
N PRO A 48 -6.56 9.66 4.38
CA PRO A 48 -6.35 8.33 3.87
C PRO A 48 -7.10 7.23 4.60
N ARG A 49 -7.65 7.49 5.80
CA ARG A 49 -8.27 6.39 6.58
C ARG A 49 -9.65 6.07 6.09
N ALA A 50 -9.96 4.79 5.94
CA ALA A 50 -11.31 4.32 5.57
C ALA A 50 -12.17 4.25 6.86
N THR A 51 -13.10 5.24 7.12
CA THR A 51 -13.79 5.28 8.42
C THR A 51 -15.28 5.60 8.15
N ASP A 52 -16.07 5.43 9.22
CA ASP A 52 -17.52 5.76 9.15
C ASP A 52 -17.76 7.23 8.89
N LYS A 53 -16.75 8.07 8.97
CA LYS A 53 -16.92 9.47 8.51
C LYS A 53 -17.08 9.63 7.02
N ASP A 54 -16.82 8.59 6.25
CA ASP A 54 -16.92 8.60 4.76
C ASP A 54 -18.39 8.54 4.29
N ILE A 55 -19.32 8.24 5.22
CA ILE A 55 -20.75 8.25 4.95
C ILE A 55 -21.34 9.38 5.71
N THR A 56 -22.13 10.21 4.99
CA THR A 56 -22.92 11.28 5.63
C THR A 56 -24.33 10.77 5.95
N GLY A 57 -25.00 11.44 6.89
CA GLY A 57 -26.37 11.09 7.20
C GLY A 57 -26.33 9.93 8.18
N THR A 58 -27.32 9.04 8.11
CA THR A 58 -27.31 7.95 9.08
C THR A 58 -26.76 6.66 8.43
N LEU A 59 -25.96 5.93 9.21
CA LEU A 59 -25.42 4.66 8.68
C LEU A 59 -26.48 3.57 8.35
N SER A 60 -26.15 2.77 7.35
CA SER A 60 -26.96 1.62 6.90
C SER A 60 -27.14 0.49 7.93
N ASN A 61 -26.21 0.40 8.90
CA ASN A 61 -26.23 -0.54 10.03
C ASN A 61 -25.32 0.00 11.11
N PRO A 62 -25.85 0.85 12.01
CA PRO A 62 -24.85 1.39 12.95
C PRO A 62 -24.50 0.42 14.12
N GLU A 63 -24.95 -0.85 14.09
CA GLU A 63 -24.55 -1.83 15.12
C GLU A 63 -23.11 -2.31 14.88
N VAL A 64 -22.84 -2.58 13.61
CA VAL A 64 -21.68 -3.34 13.15
C VAL A 64 -21.29 -2.61 11.92
N PHE A 65 -20.10 -1.97 11.94
CA PHE A 65 -19.69 -1.14 10.83
C PHE A 65 -18.93 -1.93 9.82
N ASN A 66 -19.45 -2.01 8.60
CA ASN A 66 -18.82 -2.76 7.54
C ASN A 66 -18.44 -1.74 6.45
N TYR A 67 -17.19 -1.33 6.34
CA TYR A 67 -16.83 -0.23 5.48
C TYR A 67 -17.28 -0.43 4.02
N GLY A 68 -16.91 -1.57 3.44
CA GLY A 68 -17.35 -1.95 2.07
C GLY A 68 -18.84 -1.81 1.80
N VAL A 69 -19.67 -2.38 2.67
CA VAL A 69 -21.11 -2.35 2.45
C VAL A 69 -21.57 -0.92 2.55
N GLU A 70 -21.11 -0.23 3.58
CA GLU A 70 -21.59 1.13 3.88
C GLU A 70 -21.27 2.13 2.82
N THR A 71 -20.04 2.07 2.33
CA THR A 71 -19.66 2.95 1.24
C THR A 71 -20.38 2.56 -0.07
N HIS A 72 -20.67 1.27 -0.30
CA HIS A 72 -21.37 0.86 -1.53
C HIS A 72 -22.78 1.50 -1.48
N GLU A 73 -23.49 1.34 -0.34
CA GLU A 73 -24.85 1.86 -0.19
C GLU A 73 -24.81 3.39 -0.31
N ALA A 74 -23.81 4.01 0.32
CA ALA A 74 -23.68 5.47 0.33
C ALA A 74 -23.44 6.00 -1.07
N TYR A 75 -22.69 5.26 -1.87
CA TYR A 75 -22.48 5.65 -3.27
C TYR A 75 -23.82 5.64 -4.04
N LYS A 76 -24.56 4.53 -3.97
CA LYS A 76 -25.86 4.38 -4.65
C LYS A 76 -26.85 5.40 -4.17
N GLN A 77 -26.75 5.87 -2.93
CA GLN A 77 -27.69 6.83 -2.35
C GLN A 77 -27.14 8.23 -2.27
N ARG A 78 -26.01 8.52 -2.94
CA ARG A 78 -25.43 9.88 -3.05
C ARG A 78 -25.15 10.44 -1.67
N SER A 79 -24.60 9.58 -0.82
CA SER A 79 -24.36 9.95 0.53
C SER A 79 -22.88 9.72 0.93
N LEU A 80 -21.94 9.82 0.01
CA LEU A 80 -20.52 9.76 0.37
C LEU A 80 -20.01 11.13 0.79
N ALA A 81 -18.99 11.15 1.67
CA ALA A 81 -18.30 12.43 1.96
C ALA A 81 -17.88 13.16 0.68
N SER A 82 -17.96 14.49 0.76
CA SER A 82 -17.66 15.27 -0.45
C SER A 82 -16.22 15.16 -0.92
N ASP A 83 -15.21 14.90 -0.03
CA ASP A 83 -13.87 14.73 -0.59
C ASP A 83 -13.81 13.55 -1.52
N ILE A 84 -14.55 12.48 -1.21
CA ILE A 84 -14.59 11.31 -2.06
C ILE A 84 -15.37 11.57 -3.35
N THR A 85 -16.50 12.21 -3.23
CA THR A 85 -17.29 12.38 -4.46
C THR A 85 -16.60 13.39 -5.42
N ASP A 86 -15.89 14.37 -4.84
CA ASP A 86 -15.12 15.30 -5.68
C ASP A 86 -14.10 14.49 -6.51
N GLU A 87 -13.39 13.50 -5.88
CA GLU A 87 -12.40 12.73 -6.65
C GLU A 87 -13.06 11.85 -7.67
N GLN A 88 -14.17 11.28 -7.26
CA GLN A 88 -14.90 10.43 -8.19
C GLN A 88 -15.35 11.20 -9.46
N LYS A 89 -15.84 12.43 -9.29
CA LYS A 89 -16.12 13.25 -10.48
C LYS A 89 -14.92 13.39 -11.39
N LYS A 90 -13.76 13.68 -10.79
CA LYS A 90 -12.56 13.87 -11.67
C LYS A 90 -12.22 12.59 -12.42
N VAL A 91 -12.35 11.44 -11.72
CA VAL A 91 -12.11 10.14 -12.36
C VAL A 91 -13.12 9.87 -13.45
N ARG A 92 -14.38 10.12 -13.12
CA ARG A 92 -15.49 9.81 -14.08
C ARG A 92 -15.21 10.57 -15.40
N GLU A 93 -14.78 11.82 -15.28
CA GLU A 93 -14.60 12.62 -16.49
C GLU A 93 -13.27 12.32 -17.23
N ALA A 94 -12.31 11.72 -16.54
CA ALA A 94 -10.99 11.59 -17.15
C ALA A 94 -10.93 10.47 -18.19
N ASP A 95 -10.17 10.70 -19.25
CA ASP A 95 -9.84 9.63 -20.23
C ASP A 95 -8.55 8.93 -19.82
N LEU A 96 -7.69 9.63 -19.09
CA LEU A 96 -6.46 9.02 -18.62
C LEU A 96 -6.22 9.49 -17.23
N VAL A 97 -5.78 8.55 -16.38
CA VAL A 97 -5.43 8.87 -14.97
C VAL A 97 -3.94 8.54 -14.82
N ILE A 98 -3.14 9.57 -14.56
CA ILE A 98 -1.73 9.37 -14.29
C ILE A 98 -1.53 9.44 -12.77
N PHE A 99 -0.83 8.47 -12.16
CA PHE A 99 -0.42 8.53 -10.74
C PHE A 99 1.05 8.91 -10.70
N GLN A 100 1.41 9.96 -10.01
CA GLN A 100 2.79 10.44 -9.85
C GLN A 100 3.24 10.30 -8.40
N PHE A 101 4.19 9.42 -8.10
CA PHE A 101 4.57 9.23 -6.70
C PHE A 101 5.89 8.58 -6.59
N PRO A 102 6.54 8.83 -5.45
CA PRO A 102 7.76 8.06 -5.04
C PRO A 102 7.33 6.69 -4.55
N LEU A 103 8.13 5.65 -4.87
CA LEU A 103 7.81 4.31 -4.31
C LEU A 103 8.12 4.34 -2.78
N TYR A 104 7.08 3.96 -1.99
CA TYR A 104 7.26 3.78 -0.54
C TYR A 104 6.92 2.32 -0.24
N TRP A 105 7.94 1.65 0.24
CA TRP A 105 7.80 0.23 0.60
C TRP A 105 7.18 -0.59 -0.53
N PHE A 106 7.84 -0.45 -1.70
CA PHE A 106 7.33 -1.26 -2.91
C PHE A 106 5.92 -0.99 -3.32
N SER A 107 5.41 0.17 -2.91
CA SER A 107 4.01 0.54 -3.17
C SER A 107 3.84 2.05 -3.16
N VAL A 108 2.58 2.47 -3.17
CA VAL A 108 2.28 3.90 -3.10
C VAL A 108 2.40 4.43 -1.64
N PRO A 109 2.77 5.69 -1.52
CA PRO A 109 2.66 6.37 -0.18
C PRO A 109 1.25 6.18 0.39
N ALA A 110 1.18 6.07 1.72
CA ALA A 110 -0.13 5.86 2.36
C ALA A 110 -1.21 6.88 1.93
N ILE A 111 -0.85 8.14 1.74
CA ILE A 111 -1.91 9.10 1.35
C ILE A 111 -2.61 8.69 0.03
N LEU A 112 -1.76 8.18 -0.91
CA LEU A 112 -2.25 7.69 -2.25
C LEU A 112 -2.94 6.35 -2.08
N LYS A 113 -2.42 5.52 -1.16
CA LYS A 113 -3.17 4.25 -0.84
C LYS A 113 -4.60 4.57 -0.42
N GLY A 114 -4.73 5.58 0.44
CA GLY A 114 -6.04 6.00 0.95
C GLY A 114 -6.97 6.61 -0.11
N TRP A 115 -6.39 7.29 -1.12
CA TRP A 115 -7.16 7.68 -2.27
C TRP A 115 -7.68 6.43 -2.93
N MET A 116 -6.81 5.43 -3.23
CA MET A 116 -7.39 4.27 -3.93
CA MET A 116 -7.34 4.17 -3.86
C MET A 116 -8.46 3.58 -3.02
N ASP A 117 -8.18 3.43 -1.71
CA ASP A 117 -9.13 2.75 -0.81
C ASP A 117 -10.55 3.38 -0.76
N ARG A 118 -10.54 4.71 -0.76
CA ARG A 118 -11.78 5.48 -0.44
C ARG A 118 -12.44 5.96 -1.73
N VAL A 119 -11.68 6.22 -2.83
CA VAL A 119 -12.26 6.82 -4.01
C VAL A 119 -12.79 5.68 -4.89
N LEU A 120 -12.06 4.58 -5.02
CA LEU A 120 -12.47 3.52 -5.91
C LEU A 120 -13.46 2.51 -5.22
N CYS A 121 -14.70 3.00 -4.93
CA CYS A 121 -15.64 2.20 -4.11
C CYS A 121 -16.53 1.31 -4.93
N GLN A 122 -17.13 0.34 -4.24
CA GLN A 122 -18.10 -0.51 -4.87
C GLN A 122 -19.24 0.37 -5.41
N GLY A 123 -19.69 0.02 -6.59
CA GLY A 123 -20.73 0.78 -7.28
C GLY A 123 -20.22 1.84 -8.18
N PHE A 124 -19.03 2.34 -7.89
CA PHE A 124 -18.37 3.38 -8.69
C PHE A 124 -17.33 2.81 -9.62
N ALA A 125 -16.35 2.08 -9.05
CA ALA A 125 -15.24 1.54 -9.84
C ALA A 125 -15.44 0.10 -10.32
N PHE A 126 -16.27 -0.65 -9.59
CA PHE A 126 -16.54 -2.02 -9.88
C PHE A 126 -17.82 -2.44 -9.20
N ASP A 127 -18.40 -3.56 -9.60
CA ASP A 127 -19.51 -4.10 -8.83
C ASP A 127 -19.09 -5.49 -8.37
N ILE A 128 -19.88 -6.11 -7.53
CA ILE A 128 -19.72 -7.51 -7.39
C ILE A 128 -20.29 -8.35 -8.66
N PRO A 129 -20.83 -7.69 -9.76
CA PRO A 129 -20.38 -8.39 -10.97
C PRO A 129 -19.08 -7.82 -11.34
N GLY A 130 -19.15 -6.75 -12.13
CA GLY A 130 -18.42 -5.61 -11.85
C GLY A 130 -16.97 -5.63 -12.06
N PHE A 131 -16.30 -6.77 -12.06
CA PHE A 131 -14.82 -6.51 -11.93
C PHE A 131 -13.88 -7.01 -13.00
N TYR A 132 -12.61 -6.64 -12.94
CA TYR A 132 -11.64 -6.82 -14.07
C TYR A 132 -12.23 -6.36 -15.36
N ASP A 133 -12.47 -7.25 -16.32
CA ASP A 133 -12.93 -6.68 -17.64
C ASP A 133 -14.37 -6.21 -17.53
N SER A 134 -15.06 -6.69 -16.49
CA SER A 134 -16.44 -6.28 -16.18
C SER A 134 -16.43 -4.98 -15.29
N GLY A 135 -15.23 -4.43 -15.01
CA GLY A 135 -15.03 -3.27 -14.14
C GLY A 135 -15.57 -1.98 -14.74
N LEU A 136 -16.02 -1.09 -13.86
CA LEU A 136 -16.88 0.03 -14.26
C LEU A 136 -16.15 1.18 -14.89
N LEU A 137 -14.83 1.22 -14.75
CA LEU A 137 -13.98 2.25 -15.33
C LEU A 137 -13.44 1.79 -16.67
N GLN A 138 -14.09 0.79 -17.31
CA GLN A 138 -13.62 0.35 -18.60
C GLN A 138 -13.82 1.51 -19.59
N GLY A 139 -12.96 1.54 -20.60
CA GLY A 139 -12.85 2.72 -21.46
C GLY A 139 -11.69 3.65 -21.04
N LYS A 140 -11.35 3.67 -19.76
CA LYS A 140 -10.37 4.67 -19.27
C LYS A 140 -8.95 4.07 -19.31
N LEU A 141 -7.92 4.92 -19.45
CA LEU A 141 -6.55 4.54 -19.33
C LEU A 141 -5.96 4.98 -18.00
N ALA A 142 -5.04 4.19 -17.48
CA ALA A 142 -4.23 4.57 -16.27
C ALA A 142 -2.74 4.35 -16.53
N LEU A 143 -1.87 5.12 -15.84
CA LEU A 143 -0.43 5.06 -16.02
C LEU A 143 0.25 5.36 -14.69
N LEU A 144 1.15 4.49 -14.22
CA LEU A 144 1.93 4.76 -13.02
C LEU A 144 3.25 5.41 -13.38
N SER A 145 3.52 6.59 -12.84
CA SER A 145 4.80 7.24 -13.03
C SER A 145 5.42 7.23 -11.65
N VAL A 146 6.43 6.38 -11.45
CA VAL A 146 6.98 6.07 -10.17
C VAL A 146 8.42 6.45 -10.16
N THR A 147 8.91 7.03 -9.06
CA THR A 147 10.36 7.23 -8.82
C THR A 147 10.86 6.32 -7.69
N THR A 148 12.14 5.93 -7.72
CA THR A 148 12.62 4.98 -6.71
C THR A 148 13.88 5.45 -6.03
N GLY A 149 14.15 4.89 -4.84
CA GLY A 149 15.48 4.94 -4.23
C GLY A 149 16.49 3.97 -4.88
N GLY A 150 16.02 2.74 -5.11
CA GLY A 150 16.94 1.70 -5.63
C GLY A 150 17.18 1.87 -7.14
N THR A 151 18.30 1.28 -7.55
CA THR A 151 18.80 1.46 -8.94
C THR A 151 18.07 0.49 -9.86
N ALA A 152 18.09 0.78 -11.18
CA ALA A 152 17.55 -0.22 -12.13
C ALA A 152 18.19 -1.62 -11.94
N GLU A 153 19.51 -1.70 -11.69
CA GLU A 153 20.16 -3.03 -11.52
C GLU A 153 19.64 -3.76 -10.27
N MET A 154 19.23 -2.99 -9.24
CA MET A 154 18.65 -3.58 -8.02
C MET A 154 17.27 -4.17 -8.29
N TYR A 155 16.58 -3.53 -9.24
CA TYR A 155 15.24 -3.95 -9.69
C TYR A 155 15.31 -4.89 -10.92
N THR A 156 16.14 -5.91 -10.82
CA THR A 156 16.15 -7.00 -11.83
C THR A 156 15.77 -8.35 -11.12
N LYS A 157 15.35 -9.37 -11.86
CA LYS A 157 14.76 -10.62 -11.28
C LYS A 157 15.71 -11.28 -10.29
N THR A 158 17.01 -11.08 -10.56
CA THR A 158 18.05 -11.59 -9.65
C THR A 158 18.86 -10.50 -8.92
N GLY A 159 18.39 -9.25 -8.98
CA GLY A 159 18.94 -8.18 -8.16
C GLY A 159 18.32 -8.26 -6.76
N VAL A 160 18.89 -7.52 -5.80
CA VAL A 160 18.29 -7.53 -4.40
C VAL A 160 16.76 -7.27 -4.30
N ASN A 161 16.21 -6.42 -5.17
CA ASN A 161 14.80 -6.06 -5.03
C ASN A 161 13.84 -6.86 -5.88
N GLY A 162 14.37 -7.70 -6.79
CA GLY A 162 13.50 -8.37 -7.77
C GLY A 162 13.17 -7.44 -8.93
N ASP A 163 12.56 -7.98 -9.99
CA ASP A 163 12.04 -7.19 -11.16
C ASP A 163 11.07 -6.08 -10.67
N SER A 164 11.13 -4.84 -11.23
CA SER A 164 10.11 -3.82 -10.91
C SER A 164 8.66 -4.30 -11.23
N ARG A 165 8.54 -5.13 -12.25
CA ARG A 165 7.22 -5.62 -12.53
C ARG A 165 6.61 -6.39 -11.33
N TYR A 166 7.47 -6.91 -10.44
CA TYR A 166 6.95 -7.69 -9.32
C TYR A 166 6.18 -6.81 -8.36
N PHE A 167 6.68 -5.59 -8.13
CA PHE A 167 5.92 -4.69 -7.27
C PHE A 167 4.72 -4.01 -7.94
N LEU A 168 4.74 -4.01 -9.27
CA LEU A 168 3.60 -3.35 -9.95
C LEU A 168 2.29 -4.13 -9.84
N TRP A 169 2.38 -5.45 -9.65
CA TRP A 169 1.22 -6.33 -9.68
C TRP A 169 0.05 -5.85 -8.86
N PRO A 170 0.23 -5.50 -7.56
CA PRO A 170 -0.94 -5.13 -6.78
C PRO A 170 -1.57 -3.82 -7.29
N LEU A 171 -0.76 -2.89 -7.85
CA LEU A 171 -1.26 -1.60 -8.33
C LEU A 171 -1.85 -1.77 -9.74
N GLN A 172 -1.09 -2.35 -10.70
CA GLN A 172 -1.62 -2.42 -12.04
C GLN A 172 -2.73 -3.48 -12.13
N HIS A 173 -2.52 -4.71 -11.62
CA HIS A 173 -3.50 -5.75 -11.76
C HIS A 173 -4.59 -5.73 -10.73
N GLY A 174 -4.18 -5.74 -9.44
CA GLY A 174 -5.21 -5.86 -8.36
C GLY A 174 -6.07 -4.61 -8.20
N THR A 175 -5.49 -3.46 -8.62
CA THR A 175 -6.21 -2.17 -8.49
C THR A 175 -6.76 -1.66 -9.80
N LEU A 176 -5.83 -1.21 -10.70
CA LEU A 176 -6.30 -0.54 -11.97
C LEU A 176 -7.06 -1.53 -12.86
N HIS A 177 -6.53 -2.73 -13.12
CA HIS A 177 -7.28 -3.66 -14.00
C HIS A 177 -8.57 -4.08 -13.34
N PHE A 178 -8.55 -4.29 -12.04
CA PHE A 178 -9.78 -4.73 -11.36
C PHE A 178 -10.95 -3.80 -11.57
N CYS A 179 -10.61 -2.51 -11.60
CA CYS A 179 -11.63 -1.49 -11.88
C CYS A 179 -11.96 -1.35 -13.34
N GLY A 180 -11.22 -2.00 -14.23
CA GLY A 180 -11.60 -2.00 -15.64
C GLY A 180 -10.71 -1.11 -16.46
N PHE A 181 -9.75 -0.43 -15.83
CA PHE A 181 -8.84 0.40 -16.61
C PHE A 181 -8.02 -0.51 -17.51
N LYS A 182 -7.64 0.04 -18.67
CA LYS A 182 -6.57 -0.41 -19.52
C LYS A 182 -5.39 0.36 -19.04
N VAL A 183 -4.26 -0.34 -18.89
CA VAL A 183 -3.04 0.14 -18.24
C VAL A 183 -1.89 0.42 -19.19
N LEU A 184 -1.48 1.67 -19.37
CA LEU A 184 -0.29 1.96 -20.11
C LEU A 184 0.95 1.52 -19.39
N ALA A 185 2.01 1.27 -20.16
CA ALA A 185 3.27 0.87 -19.56
C ALA A 185 3.79 1.87 -18.49
N PRO A 186 4.28 1.41 -17.35
CA PRO A 186 4.74 2.33 -16.36
C PRO A 186 5.89 3.21 -16.79
N GLN A 187 5.94 4.40 -16.22
CA GLN A 187 7.10 5.27 -16.31
C GLN A 187 7.89 5.12 -15.06
N ILE A 188 9.07 4.50 -15.12
CA ILE A 188 9.82 4.32 -13.89
C ILE A 188 11.09 5.12 -13.99
N SER A 189 11.27 6.14 -13.15
CA SER A 189 12.42 6.99 -13.06
C SER A 189 13.29 6.45 -11.93
N PHE A 190 14.31 5.65 -12.30
CA PHE A 190 15.09 4.97 -11.26
C PHE A 190 16.06 5.88 -10.59
N ALA A 191 16.06 5.87 -9.25
CA ALA A 191 17.15 6.46 -8.44
C ALA A 191 17.58 7.86 -8.85
N PRO A 192 16.61 8.77 -8.98
CA PRO A 192 17.04 10.11 -9.32
C PRO A 192 18.03 10.71 -8.34
N GLU A 193 17.99 10.36 -7.05
CA GLU A 193 18.92 11.02 -6.14
C GLU A 193 20.36 10.64 -6.40
N ILE A 194 20.62 9.48 -7.01
CA ILE A 194 22.03 9.12 -7.24
C ILE A 194 22.46 9.50 -8.67
N ALA A 195 21.51 9.65 -9.59
CA ALA A 195 21.82 10.19 -10.95
C ALA A 195 22.40 11.59 -10.87
N SER A 196 23.18 12.01 -11.88
CA SER A 196 23.35 13.44 -12.16
C SER A 196 22.22 13.83 -13.15
N GLU A 197 22.11 15.02 -13.74
CA GLU A 197 21.74 16.29 -13.11
C GLU A 197 20.67 16.88 -14.07
N GLU A 198 20.54 16.48 -15.34
CA GLU A 198 21.53 15.84 -16.27
C GLU A 198 21.15 14.43 -16.81
N GLU A 199 21.55 13.35 -16.13
CA GLU A 199 20.73 12.14 -16.25
C GLU A 199 19.33 12.44 -15.65
N ARG A 200 19.24 13.31 -14.63
CA ARG A 200 17.98 13.79 -14.04
C ARG A 200 17.21 14.59 -15.10
N LYS A 201 17.95 15.40 -15.85
CA LYS A 201 17.32 16.11 -16.98
C LYS A 201 16.87 15.18 -18.07
N GLY A 202 17.68 14.19 -18.34
CA GLY A 202 17.37 13.12 -19.28
C GLY A 202 16.00 12.60 -18.89
N MET A 203 15.89 12.17 -17.65
CA MET A 203 14.71 11.52 -17.11
C MET A 203 13.42 12.35 -17.24
N VAL A 204 13.52 13.63 -16.85
CA VAL A 204 12.39 14.59 -16.94
C VAL A 204 12.05 14.79 -18.41
N ALA A 205 13.06 15.10 -19.23
CA ALA A 205 12.83 15.23 -20.66
C ALA A 205 12.28 13.98 -21.31
N ALA A 206 12.66 12.77 -20.87
CA ALA A 206 12.14 11.54 -21.50
C ALA A 206 10.62 11.38 -21.20
N TRP A 207 10.23 11.80 -20.00
CA TRP A 207 8.84 11.78 -19.59
C TRP A 207 8.06 12.82 -20.44
N SER A 208 8.55 14.06 -20.52
CA SER A 208 7.91 15.10 -21.39
C SER A 208 7.78 14.55 -22.85
N GLN A 209 8.88 13.98 -23.40
CA GLN A 209 8.85 13.40 -24.75
C GLN A 209 7.88 12.25 -24.87
N ARG A 210 7.85 11.34 -23.87
CA ARG A 210 6.87 10.29 -23.96
C ARG A 210 5.44 10.83 -24.01
N LEU A 211 5.15 11.85 -23.20
CA LEU A 211 3.81 12.39 -23.15
C LEU A 211 3.41 13.01 -24.47
N GLN A 212 4.38 13.48 -25.30
CA GLN A 212 4.04 13.91 -26.68
C GLN A 212 3.21 12.93 -27.45
N THR A 213 3.52 11.63 -27.33
CA THR A 213 2.80 10.62 -28.12
C THR A 213 2.01 9.62 -27.24
N ILE A 214 1.57 10.05 -26.06
CA ILE A 214 0.97 9.13 -25.13
C ILE A 214 -0.33 8.53 -25.71
N TRP A 215 -1.06 9.27 -26.52
CA TRP A 215 -2.34 8.90 -27.08
C TRP A 215 -2.23 7.83 -28.15
N LYS A 216 -0.99 7.55 -28.53
CA LYS A 216 -0.75 6.61 -29.64
C LYS A 216 -0.35 5.22 -29.04
N GLU A 217 -0.18 5.14 -27.72
CA GLU A 217 0.22 3.89 -27.04
C GLU A 217 -0.94 2.92 -26.91
N GLU A 218 -0.70 1.62 -27.09
CA GLU A 218 -1.72 0.61 -26.73
C GLU A 218 -1.44 0.16 -25.29
N PRO A 219 -2.48 -0.26 -24.55
CA PRO A 219 -2.16 -0.74 -23.18
C PRO A 219 -1.40 -2.07 -23.14
N ILE A 220 -0.76 -2.34 -21.99
CA ILE A 220 -0.07 -3.63 -21.74
C ILE A 220 -1.11 -4.69 -21.56
N PRO A 221 -0.73 -5.96 -21.86
CA PRO A 221 -1.60 -7.05 -21.43
C PRO A 221 -1.41 -7.25 -19.92
N CYS A 222 -2.38 -6.79 -19.12
CA CYS A 222 -2.23 -6.80 -17.67
C CYS A 222 -2.56 -8.20 -17.09
N THR A 223 -1.61 -9.07 -17.32
CA THR A 223 -1.75 -10.46 -16.99
C THR A 223 -0.61 -10.88 -16.05
N ALA A 224 -0.78 -12.02 -15.36
CA ALA A 224 0.31 -12.60 -14.56
C ALA A 224 1.58 -12.87 -15.42
N HIS A 225 1.38 -13.27 -16.65
CA HIS A 225 2.52 -13.48 -17.54
C HIS A 225 3.39 -12.22 -17.77
N TRP A 226 2.71 -11.07 -18.01
CA TRP A 226 3.43 -9.84 -18.25
C TRP A 226 4.29 -9.51 -17.01
N HIS A 227 3.72 -9.70 -15.81
CA HIS A 227 4.41 -9.29 -14.60
C HIS A 227 5.50 -10.28 -14.12
N PHE A 228 5.24 -11.58 -14.32
CA PHE A 228 6.06 -12.59 -13.68
C PHE A 228 6.66 -13.56 -14.66
N GLY A 229 6.18 -13.58 -15.91
CA GLY A 229 6.52 -14.69 -16.86
C GLY A 229 7.67 -14.34 -17.78
N GLN A 230 7.77 -15.01 -18.94
CA GLN A 230 8.93 -14.85 -19.88
C GLN A 230 8.61 -14.68 -21.42
N ALA B 1 5.61 -19.31 26.20
CA ALA B 1 5.87 -17.96 26.79
C ALA B 1 6.39 -17.06 25.69
N GLY B 2 7.71 -16.67 25.73
CA GLY B 2 8.80 -16.41 26.85
C GLY B 2 9.40 -15.15 26.14
N LYS B 3 8.43 -14.48 25.61
CA LYS B 3 8.53 -13.77 24.36
C LYS B 3 7.53 -12.67 24.40
N LYS B 4 7.83 -11.59 23.68
CA LYS B 4 6.93 -10.44 23.60
C LYS B 4 6.40 -10.44 22.14
N VAL B 5 5.08 -10.19 22.00
CA VAL B 5 4.41 -10.14 20.72
C VAL B 5 3.68 -8.80 20.59
N LEU B 6 3.88 -8.13 19.46
CA LEU B 6 3.09 -6.92 19.08
C LEU B 6 2.18 -7.32 17.93
N ILE B 7 0.87 -6.99 18.09
CA ILE B 7 -0.11 -7.25 17.05
C ILE B 7 -0.46 -5.86 16.50
N VAL B 8 -0.16 -5.55 15.23
CA VAL B 8 -0.56 -4.26 14.62
C VAL B 8 -1.86 -4.54 13.89
N TYR B 9 -2.99 -4.02 14.40
CA TYR B 9 -4.28 -4.44 13.94
C TYR B 9 -4.93 -3.30 13.20
N ALA B 10 -5.54 -3.61 12.07
CA ALA B 10 -6.18 -2.57 11.20
C ALA B 10 -7.58 -2.93 10.76
N HIS B 11 -8.56 -2.81 11.66
CA HIS B 11 -9.95 -2.95 11.30
C HIS B 11 -10.80 -2.03 12.16
N GLN B 12 -11.81 -1.44 11.53
CA GLN B 12 -12.68 -0.41 12.20
C GLN B 12 -13.67 -0.98 13.23
N GLU B 13 -13.96 -2.26 13.08
CA GLU B 13 -15.11 -2.84 13.81
C GLU B 13 -14.71 -4.00 14.71
N PRO B 14 -14.91 -3.85 16.04
CA PRO B 14 -14.41 -4.88 16.97
C PRO B 14 -15.12 -6.25 16.74
N LYS B 15 -16.35 -6.20 16.24
CA LYS B 15 -17.14 -7.44 16.04
C LYS B 15 -16.81 -8.14 14.70
N SER B 16 -15.87 -7.56 13.93
CA SER B 16 -15.55 -8.20 12.66
C SER B 16 -14.78 -9.47 12.77
N PHE B 17 -14.67 -10.13 11.63
CA PHE B 17 -13.83 -11.31 11.54
C PHE B 17 -12.39 -10.99 11.88
N ASN B 18 -11.88 -9.89 11.35
CA ASN B 18 -10.53 -9.49 11.79
C ASN B 18 -10.43 -9.29 13.28
N GLY B 19 -11.44 -8.64 13.86
CA GLY B 19 -11.49 -8.50 15.29
C GLY B 19 -11.38 -9.84 16.00
N SER B 20 -12.15 -10.83 15.51
CA SER B 20 -12.08 -12.15 16.16
C SER B 20 -10.74 -12.82 16.03
N LEU B 21 -10.07 -12.64 14.89
CA LEU B 21 -8.75 -13.22 14.74
C LEU B 21 -7.74 -12.51 15.62
N LYS B 22 -7.82 -11.18 15.73
CA LYS B 22 -6.98 -10.46 16.67
C LYS B 22 -7.26 -10.93 18.15
N ASN B 23 -8.52 -11.08 18.55
CA ASN B 23 -8.79 -11.46 19.93
C ASN B 23 -8.35 -12.87 20.23
N VAL B 24 -8.54 -13.79 19.24
CA VAL B 24 -8.07 -15.15 19.51
C VAL B 24 -6.54 -15.24 19.64
N ALA B 25 -5.83 -14.37 18.89
CA ALA B 25 -4.40 -14.31 19.10
C ALA B 25 -3.99 -13.80 20.49
N VAL B 26 -4.68 -12.74 20.93
CA VAL B 26 -4.36 -12.22 22.24
C VAL B 26 -4.71 -13.34 23.25
N ASP B 27 -5.86 -13.97 23.09
CA ASP B 27 -6.30 -15.01 24.09
C ASP B 27 -5.25 -16.16 24.14
N GLU B 28 -4.81 -16.67 22.98
CA GLU B 28 -3.95 -17.87 22.94
C GLU B 28 -2.53 -17.48 23.37
N LEU B 29 -2.02 -16.36 22.81
CA LEU B 29 -0.69 -15.97 23.28
C LEU B 29 -0.63 -15.58 24.73
N SER B 30 -1.69 -14.91 25.24
CA SER B 30 -1.81 -14.69 26.70
C SER B 30 -1.82 -15.97 27.45
N ARG B 31 -2.64 -16.98 27.01
CA ARG B 31 -2.74 -18.24 27.73
C ARG B 31 -1.35 -18.95 27.81
N GLN B 32 -0.54 -18.76 26.75
CA GLN B 32 0.78 -19.41 26.76
C GLN B 32 1.76 -18.72 27.72
N GLY B 33 1.38 -17.56 28.23
CA GLY B 33 2.32 -16.81 29.15
C GLY B 33 3.14 -15.75 28.37
N CYS B 34 2.85 -15.49 27.13
CA CYS B 34 3.57 -14.48 26.34
C CYS B 34 3.12 -13.11 26.75
N THR B 35 3.99 -12.12 26.56
CA THR B 35 3.68 -10.71 26.79
C THR B 35 3.08 -10.21 25.47
N VAL B 36 1.94 -9.52 25.51
CA VAL B 36 1.22 -9.18 24.31
C VAL B 36 0.77 -7.72 24.31
N THR B 37 1.02 -7.00 23.22
CA THR B 37 0.65 -5.57 23.05
C THR B 37 -0.08 -5.51 21.73
N VAL B 38 -1.11 -4.69 21.68
CA VAL B 38 -1.89 -4.52 20.44
C VAL B 38 -1.93 -3.01 20.08
N SER B 39 -1.53 -2.68 18.86
CA SER B 39 -1.68 -1.33 18.32
C SER B 39 -2.94 -1.37 17.44
N ASP B 40 -4.08 -0.83 17.97
CA ASP B 40 -5.30 -0.85 17.23
C ASP B 40 -5.38 0.49 16.47
N LEU B 41 -4.95 0.46 15.25
CA LEU B 41 -4.67 1.75 14.55
C LEU B 41 -5.92 2.61 14.33
N TYR B 42 -7.07 2.03 13.99
CA TYR B 42 -8.21 2.95 13.81
C TYR B 42 -8.64 3.50 15.18
N ALA B 43 -8.55 2.70 16.25
CA ALA B 43 -8.96 3.25 17.59
C ALA B 43 -8.03 4.38 18.10
N MET B 44 -6.75 4.29 17.70
CA MET B 44 -5.70 5.31 18.02
C MET B 44 -5.81 6.51 17.05
N ASN B 45 -6.67 6.41 16.03
CA ASN B 45 -6.70 7.46 15.03
C ASN B 45 -5.31 7.66 14.42
N PHE B 46 -4.62 6.53 14.20
CA PHE B 46 -3.25 6.64 13.79
C PHE B 46 -3.02 7.45 12.49
N GLU B 47 -2.10 8.41 12.56
CA GLU B 47 -1.81 9.29 11.43
C GLU B 47 -1.08 8.54 10.28
N PRO B 48 -1.66 8.42 9.08
CA PRO B 48 -0.93 7.66 8.02
C PRO B 48 -0.06 8.51 7.13
N ARG B 49 -0.23 9.82 7.16
CA ARG B 49 0.43 10.71 6.16
C ARG B 49 1.85 10.96 6.62
N ALA B 50 2.76 10.84 5.63
CA ALA B 50 4.17 11.17 5.88
C ALA B 50 4.36 12.67 5.59
N THR B 51 4.39 13.52 6.67
CA THR B 51 4.50 14.94 6.45
C THR B 51 5.57 15.54 7.33
N ASP B 52 5.79 16.80 7.06
CA ASP B 52 6.73 17.56 7.90
C ASP B 52 6.30 17.72 9.34
N LYS B 53 5.06 17.40 9.72
CA LYS B 53 4.72 17.39 11.13
C LYS B 53 5.38 16.26 11.89
N ASP B 54 5.98 15.30 11.19
CA ASP B 54 6.61 14.19 11.87
C ASP B 54 7.98 14.52 12.43
N ILE B 55 8.44 15.72 12.12
CA ILE B 55 9.70 16.25 12.68
C ILE B 55 9.41 17.49 13.50
N THR B 56 9.94 17.50 14.68
CA THR B 56 9.68 18.67 15.52
C THR B 56 10.89 19.57 15.60
N GLY B 57 12.10 19.14 15.26
CA GLY B 57 13.21 20.14 15.49
C GLY B 57 13.53 20.89 14.20
N THR B 58 14.70 21.47 14.16
CA THR B 58 15.23 22.23 13.04
C THR B 58 15.48 21.26 11.87
N LEU B 59 14.89 21.55 10.72
CA LEU B 59 15.11 20.69 9.57
C LEU B 59 16.54 20.90 9.01
N SER B 60 17.06 19.78 8.52
CA SER B 60 18.32 19.75 7.83
C SER B 60 18.30 20.65 6.59
N ASN B 61 17.21 20.58 5.83
CA ASN B 61 17.02 21.50 4.75
C ASN B 61 15.65 22.10 4.77
N PRO B 62 15.51 23.27 5.37
CA PRO B 62 14.17 23.86 5.53
C PRO B 62 13.56 24.45 4.21
N GLU B 63 14.32 24.49 3.12
CA GLU B 63 13.77 25.06 1.89
C GLU B 63 13.30 23.99 0.91
N VAL B 64 13.81 22.77 1.03
CA VAL B 64 13.36 21.72 0.12
C VAL B 64 13.19 20.52 1.05
N PHE B 65 11.94 20.07 1.22
CA PHE B 65 11.60 19.04 2.19
C PHE B 65 11.78 17.64 1.61
N ASN B 66 12.62 16.82 2.24
CA ASN B 66 12.87 15.44 1.82
C ASN B 66 12.51 14.54 3.01
N TYR B 67 11.36 13.83 2.95
CA TYR B 67 10.84 13.13 4.09
C TYR B 67 11.85 12.11 4.63
N GLY B 68 12.45 11.36 3.70
CA GLY B 68 13.43 10.29 4.12
C GLY B 68 14.60 10.88 4.85
N VAL B 69 15.14 11.92 4.29
CA VAL B 69 16.35 12.57 4.88
C VAL B 69 15.96 13.16 6.25
N GLU B 70 14.84 13.89 6.34
CA GLU B 70 14.52 14.57 7.60
C GLU B 70 14.13 13.57 8.66
N THR B 71 13.40 12.51 8.38
CA THR B 71 13.06 11.53 9.42
C THR B 71 14.31 10.74 9.85
N HIS B 72 15.25 10.51 8.94
CA HIS B 72 16.44 9.76 9.36
C HIS B 72 17.23 10.64 10.37
N GLU B 73 17.42 11.90 10.04
CA GLU B 73 18.09 12.85 10.94
C GLU B 73 17.28 13.03 12.25
N ALA B 74 15.96 13.13 12.13
CA ALA B 74 15.16 13.31 13.37
C ALA B 74 15.24 12.07 14.25
N TYR B 75 15.23 10.89 13.66
CA TYR B 75 15.39 9.69 14.51
C TYR B 75 16.71 9.78 15.33
N LYS B 76 17.78 10.11 14.63
CA LYS B 76 19.10 10.16 15.30
C LYS B 76 19.17 11.20 16.43
N GLN B 77 18.49 12.32 16.22
CA GLN B 77 18.50 13.49 17.12
C GLN B 77 17.41 13.43 18.19
N ARG B 78 16.47 12.51 18.04
CA ARG B 78 15.31 12.30 18.93
C ARG B 78 14.34 13.47 18.76
N SER B 79 14.04 13.83 17.53
CA SER B 79 13.09 14.91 17.31
C SER B 79 11.93 14.43 16.46
N LEU B 80 11.72 13.11 16.43
CA LEU B 80 10.51 12.59 15.68
C LEU B 80 9.27 12.79 16.52
N ALA B 81 8.12 12.88 15.83
CA ALA B 81 6.88 12.93 16.60
C ALA B 81 6.69 11.70 17.48
N SER B 82 6.10 11.93 18.63
CA SER B 82 6.06 10.90 19.67
C SER B 82 5.16 9.72 19.26
N ASP B 83 4.17 9.92 18.39
CA ASP B 83 3.42 8.71 17.96
C ASP B 83 4.27 7.66 17.24
N ILE B 84 5.24 8.16 16.48
CA ILE B 84 6.14 7.29 15.73
C ILE B 84 7.08 6.64 16.80
N THR B 85 7.71 7.41 17.71
CA THR B 85 8.57 6.72 18.66
C THR B 85 7.82 5.77 19.57
N ASP B 86 6.56 6.05 19.92
CA ASP B 86 5.78 5.08 20.69
C ASP B 86 5.66 3.74 19.98
N GLU B 87 5.44 3.77 18.65
CA GLU B 87 5.35 2.50 17.91
C GLU B 87 6.73 1.85 17.85
N GLN B 88 7.75 2.65 17.70
CA GLN B 88 9.10 2.01 17.58
C GLN B 88 9.44 1.32 18.85
N LYS B 89 9.03 1.84 20.02
CA LYS B 89 9.38 1.12 21.24
C LYS B 89 8.69 -0.24 21.27
N LYS B 90 7.45 -0.30 20.84
CA LYS B 90 6.76 -1.57 20.77
C LYS B 90 7.45 -2.58 19.83
N VAL B 91 7.89 -2.06 18.67
CA VAL B 91 8.59 -2.95 17.78
C VAL B 91 9.95 -3.39 18.33
N ARG B 92 10.66 -2.43 18.93
CA ARG B 92 12.01 -2.73 19.54
C ARG B 92 11.90 -3.86 20.52
N GLU B 93 10.89 -3.78 21.37
CA GLU B 93 10.76 -4.83 22.39
C GLU B 93 10.21 -6.17 21.90
N ALA B 94 9.49 -6.18 20.79
CA ALA B 94 8.83 -7.42 20.31
C ALA B 94 9.80 -8.44 19.77
N ASP B 95 9.50 -9.69 20.07
CA ASP B 95 10.17 -10.85 19.39
C ASP B 95 9.45 -11.24 18.11
N LEU B 96 8.15 -10.96 18.05
CA LEU B 96 7.29 -11.34 16.93
C LEU B 96 6.27 -10.21 16.71
N VAL B 97 6.16 -9.73 15.48
CA VAL B 97 5.17 -8.71 15.11
C VAL B 97 4.18 -9.39 14.17
N ILE B 98 2.88 -9.43 14.57
CA ILE B 98 1.78 -9.98 13.69
C ILE B 98 1.01 -8.81 13.18
N PHE B 99 0.81 -8.78 11.89
CA PHE B 99 -0.08 -7.73 11.26
C PHE B 99 -1.39 -8.40 11.00
N GLN B 100 -2.50 -7.84 11.50
CA GLN B 100 -3.83 -8.46 11.32
C GLN B 100 -4.58 -7.41 10.51
N PHE B 101 -5.05 -7.77 9.35
CA PHE B 101 -5.73 -6.81 8.50
C PHE B 101 -6.52 -7.45 7.40
N PRO B 102 -7.57 -6.78 6.93
CA PRO B 102 -8.26 -7.17 5.68
C PRO B 102 -7.45 -6.67 4.47
N LEU B 103 -7.38 -7.49 3.46
CA LEU B 103 -6.75 -7.07 2.25
C LEU B 103 -7.53 -5.94 1.59
N TYR B 104 -6.80 -4.85 1.32
CA TYR B 104 -7.39 -3.68 0.54
C TYR B 104 -6.49 -3.52 -0.68
N TRP B 105 -7.05 -3.68 -1.85
CA TRP B 105 -6.38 -3.44 -3.12
C TRP B 105 -5.04 -4.19 -3.11
N PHE B 106 -5.18 -5.48 -2.76
CA PHE B 106 -3.98 -6.41 -2.89
C PHE B 106 -2.86 -5.98 -1.93
N SER B 107 -3.23 -5.23 -0.92
CA SER B 107 -2.22 -4.70 0.03
C SER B 107 -2.85 -4.40 1.38
N VAL B 108 -2.13 -3.64 2.20
CA VAL B 108 -2.64 -3.32 3.52
C VAL B 108 -3.61 -2.07 3.39
N PRO B 109 -4.59 -1.92 4.27
CA PRO B 109 -5.36 -0.65 4.38
C PRO B 109 -4.36 0.50 4.57
N ALA B 110 -4.73 1.63 4.01
CA ALA B 110 -3.84 2.81 4.11
C ALA B 110 -3.43 3.15 5.50
N ILE B 111 -4.27 2.96 6.51
CA ILE B 111 -3.79 3.34 7.81
C ILE B 111 -2.58 2.50 8.25
N LEU B 112 -2.61 1.25 7.87
CA LEU B 112 -1.45 0.35 8.17
C LEU B 112 -0.29 0.64 7.20
N LYS B 113 -0.55 1.00 5.97
CA LYS B 113 0.56 1.45 5.04
C LYS B 113 1.25 2.63 5.68
N GLY B 114 0.48 3.57 6.30
CA GLY B 114 1.10 4.74 6.95
C GLY B 114 1.97 4.35 8.15
N TRP B 115 1.48 3.40 8.94
CA TRP B 115 2.32 2.85 10.01
C TRP B 115 3.63 2.34 9.40
N MET B 116 3.63 1.57 8.33
CA MET B 116 4.90 1.12 7.76
CA MET B 116 4.90 1.15 7.76
C MET B 116 5.73 2.33 7.31
N ASP B 117 5.12 3.26 6.59
CA ASP B 117 5.89 4.38 6.09
C ASP B 117 6.55 5.24 7.16
N ARG B 118 5.81 5.47 8.26
CA ARG B 118 6.29 6.42 9.23
C ARG B 118 7.14 5.74 10.35
N VAL B 119 6.75 4.53 10.74
CA VAL B 119 7.44 3.88 11.89
C VAL B 119 8.77 3.27 11.43
N LEU B 120 8.81 2.66 10.26
CA LEU B 120 10.02 1.92 9.85
C LEU B 120 10.95 2.88 9.14
N CYS B 121 11.46 3.85 9.89
CA CYS B 121 12.36 4.86 9.28
C CYS B 121 13.82 4.45 9.18
N GLN B 122 14.57 5.21 8.36
CA GLN B 122 15.99 4.97 8.30
C GLN B 122 16.62 5.28 9.62
N GLY B 123 17.53 4.41 9.99
CA GLY B 123 18.18 4.53 11.30
C GLY B 123 17.52 3.65 12.37
N PHE B 124 16.20 3.48 12.27
CA PHE B 124 15.49 2.58 13.19
C PHE B 124 15.40 1.17 12.60
N ALA B 125 14.77 1.05 11.42
CA ALA B 125 14.46 -0.25 10.89
C ALA B 125 15.56 -0.76 9.88
N PHE B 126 16.34 0.14 9.26
CA PHE B 126 17.37 -0.24 8.24
C PHE B 126 18.33 0.94 8.18
N ASP B 127 19.48 0.70 7.60
CA ASP B 127 20.29 1.84 7.19
CA ASP B 127 20.47 1.74 7.32
C ASP B 127 20.83 1.50 5.83
N ILE B 128 21.46 2.47 5.18
CA ILE B 128 21.96 2.24 3.83
C ILE B 128 23.50 2.50 3.94
N PRO B 129 24.34 1.41 4.11
CA PRO B 129 24.01 -0.04 4.10
C PRO B 129 23.44 -0.57 5.42
N GLY B 130 22.83 -1.76 5.41
CA GLY B 130 22.14 -2.34 6.56
C GLY B 130 20.67 -2.63 6.21
N PHE B 131 20.45 -3.47 5.22
CA PHE B 131 19.05 -3.80 4.82
C PHE B 131 19.08 -5.25 4.34
N TYR B 132 17.91 -5.74 4.07
CA TYR B 132 17.70 -7.18 3.85
C TYR B 132 18.31 -7.98 5.00
N ASP B 133 19.19 -8.94 4.70
CA ASP B 133 19.69 -9.80 5.79
C ASP B 133 20.54 -8.99 6.82
N SER B 134 21.00 -7.78 6.50
CA SER B 134 21.67 -6.88 7.42
CA SER B 134 21.64 -6.91 7.50
C SER B 134 20.71 -5.78 7.98
N GLY B 135 19.41 -5.90 7.73
CA GLY B 135 18.45 -4.94 8.30
C GLY B 135 18.50 -4.82 9.80
N LEU B 136 18.00 -3.71 10.35
CA LEU B 136 18.23 -3.44 11.84
C LEU B 136 17.29 -4.21 12.72
N LEU B 137 16.25 -4.81 12.14
CA LEU B 137 15.25 -5.55 12.96
C LEU B 137 15.63 -7.06 12.85
N GLN B 138 16.87 -7.39 12.49
CA GLN B 138 17.26 -8.79 12.46
C GLN B 138 17.10 -9.41 13.85
N GLY B 139 16.80 -10.68 13.81
CA GLY B 139 16.51 -11.41 15.03
C GLY B 139 15.04 -11.36 15.45
N LYS B 140 14.23 -10.54 14.78
CA LYS B 140 12.75 -10.51 15.05
C LYS B 140 12.01 -11.28 13.97
N LEU B 141 10.86 -11.83 14.34
CA LEU B 141 9.97 -12.47 13.40
C LEU B 141 8.72 -11.62 13.08
N ALA B 142 8.23 -11.78 11.88
CA ALA B 142 6.97 -11.07 11.48
C ALA B 142 6.04 -12.03 10.77
N LEU B 143 4.74 -11.75 10.81
CA LEU B 143 3.77 -12.73 10.23
C LEU B 143 2.60 -11.87 9.74
N LEU B 144 2.15 -12.04 8.51
CA LEU B 144 0.98 -11.35 7.98
C LEU B 144 -0.26 -12.27 8.18
N SER B 145 -1.28 -11.82 8.90
CA SER B 145 -2.52 -12.55 9.04
C SER B 145 -3.59 -11.70 8.27
N VAL B 146 -3.97 -12.16 7.12
CA VAL B 146 -4.75 -11.38 6.19
C VAL B 146 -6.07 -12.09 5.95
N THR B 147 -7.13 -11.31 5.77
CA THR B 147 -8.44 -11.83 5.35
C THR B 147 -8.74 -11.25 3.95
N THR B 148 -9.57 -11.96 3.18
CA THR B 148 -9.88 -11.52 1.82
C THR B 148 -11.35 -11.57 1.49
N GLY B 149 -11.76 -10.72 0.50
CA GLY B 149 -13.09 -10.90 -0.13
C GLY B 149 -13.02 -12.10 -1.06
N GLY B 150 -11.93 -12.20 -1.81
CA GLY B 150 -11.78 -13.21 -2.85
C GLY B 150 -11.59 -14.64 -2.30
N THR B 151 -12.00 -15.66 -3.03
CA THR B 151 -11.87 -17.05 -2.53
C THR B 151 -10.45 -17.57 -2.78
N ALA B 152 -10.08 -18.66 -2.12
CA ALA B 152 -8.79 -19.33 -2.39
C ALA B 152 -8.61 -19.68 -3.89
N GLU B 153 -9.65 -20.25 -4.52
CA GLU B 153 -9.63 -20.47 -5.96
C GLU B 153 -9.35 -19.26 -6.85
N MET B 154 -9.92 -18.10 -6.46
CA MET B 154 -9.57 -16.84 -7.15
C MET B 154 -8.09 -16.49 -7.01
N TYR B 155 -7.52 -16.77 -5.85
CA TYR B 155 -6.12 -16.54 -5.55
C TYR B 155 -5.25 -17.74 -5.88
N THR B 156 -5.40 -18.25 -7.07
CA THR B 156 -4.48 -19.29 -7.57
C THR B 156 -3.82 -18.79 -8.81
N LYS B 157 -2.78 -19.49 -9.26
CA LYS B 157 -1.98 -19.01 -10.37
C LYS B 157 -2.77 -18.85 -11.69
N THR B 158 -3.74 -19.74 -11.96
CA THR B 158 -4.65 -19.55 -13.08
C THR B 158 -6.00 -18.88 -12.78
N GLY B 159 -6.22 -18.44 -11.53
CA GLY B 159 -7.49 -17.80 -11.11
C GLY B 159 -7.39 -16.31 -11.38
N VAL B 160 -8.51 -15.61 -11.33
CA VAL B 160 -8.51 -14.18 -11.75
C VAL B 160 -7.59 -13.25 -10.95
N ASN B 161 -7.34 -13.61 -9.70
CA ASN B 161 -6.51 -12.75 -8.86
C ASN B 161 -4.99 -13.08 -8.96
N GLY B 162 -4.66 -14.23 -9.54
CA GLY B 162 -3.25 -14.65 -9.41
C GLY B 162 -3.08 -15.37 -8.09
N ASP B 163 -1.95 -16.06 -7.95
CA ASP B 163 -1.65 -16.73 -6.68
C ASP B 163 -1.52 -15.80 -5.52
N SER B 164 -1.96 -16.22 -4.34
CA SER B 164 -1.87 -15.35 -3.19
C SER B 164 -0.49 -14.81 -2.91
N ARG B 165 0.53 -15.68 -3.16
CA ARG B 165 1.87 -15.26 -2.80
C ARG B 165 2.33 -14.06 -3.62
N TYR B 166 1.72 -13.83 -4.78
CA TYR B 166 2.16 -12.66 -5.59
C TYR B 166 1.91 -11.30 -4.95
N PHE B 167 0.75 -11.16 -4.30
CA PHE B 167 0.53 -9.89 -3.57
C PHE B 167 1.34 -9.79 -2.28
N LEU B 168 1.86 -10.90 -1.79
CA LEU B 168 2.69 -10.83 -0.59
C LEU B 168 4.05 -10.19 -0.81
N TRP B 169 4.53 -10.13 -2.02
CA TRP B 169 5.90 -9.63 -2.23
C TRP B 169 6.29 -8.28 -1.71
N PRO B 170 5.46 -7.23 -1.99
CA PRO B 170 5.91 -5.92 -1.45
C PRO B 170 5.91 -5.89 0.05
N LEU B 171 5.06 -6.68 0.71
CA LEU B 171 4.99 -6.65 2.17
C LEU B 171 6.07 -7.52 2.76
N GLN B 172 6.11 -8.78 2.34
CA GLN B 172 7.04 -9.70 3.04
C GLN B 172 8.45 -9.42 2.63
N HIS B 173 8.66 -9.21 1.32
CA HIS B 173 10.02 -8.98 0.86
C HIS B 173 10.45 -7.52 0.87
N GLY B 174 9.65 -6.67 0.19
CA GLY B 174 10.03 -5.22 0.07
C GLY B 174 10.04 -4.50 1.41
N THR B 175 9.27 -5.00 2.38
CA THR B 175 9.15 -4.30 3.69
C THR B 175 9.81 -5.12 4.76
N LEU B 176 9.19 -6.27 5.09
CA LEU B 176 9.61 -6.99 6.29
C LEU B 176 11.06 -7.51 6.14
N HIS B 177 11.37 -8.21 5.08
CA HIS B 177 12.70 -8.72 4.93
C HIS B 177 13.71 -7.58 4.73
N PHE B 178 13.30 -6.53 4.01
CA PHE B 178 14.22 -5.37 3.89
C PHE B 178 14.66 -4.84 5.24
N CYS B 179 13.74 -4.88 6.22
CA CYS B 179 14.12 -4.44 7.58
C CYS B 179 14.81 -5.49 8.43
N GLY B 180 15.11 -6.63 7.81
CA GLY B 180 15.85 -7.69 8.55
C GLY B 180 14.93 -8.69 9.27
N PHE B 181 13.61 -8.52 9.26
CA PHE B 181 12.82 -9.60 9.88
C PHE B 181 12.93 -10.91 9.14
N LYS B 182 12.82 -11.98 9.91
CA LYS B 182 12.52 -13.25 9.32
C LYS B 182 11.00 -13.34 9.27
N VAL B 183 10.49 -13.92 8.21
CA VAL B 183 9.07 -13.86 7.94
C VAL B 183 8.47 -15.27 8.10
N LEU B 184 7.59 -15.44 9.05
CA LEU B 184 6.82 -16.70 9.14
C LEU B 184 5.77 -16.77 8.07
N ALA B 185 5.35 -18.01 7.75
CA ALA B 185 4.35 -18.18 6.68
C ALA B 185 3.08 -17.41 6.99
N PRO B 186 2.48 -16.81 5.95
CA PRO B 186 1.32 -15.98 6.21
C PRO B 186 0.11 -16.82 6.63
N GLN B 187 -0.78 -16.21 7.40
CA GLN B 187 -2.12 -16.85 7.72
C GLN B 187 -3.07 -16.14 6.81
N ILE B 188 -3.59 -16.83 5.79
CA ILE B 188 -4.65 -16.18 4.99
C ILE B 188 -5.99 -16.83 5.21
N SER B 189 -6.94 -16.01 5.68
CA SER B 189 -8.29 -16.51 5.93
C SER B 189 -9.19 -16.04 4.76
N PHE B 190 -9.41 -16.91 3.80
CA PHE B 190 -10.09 -16.48 2.56
C PHE B 190 -11.61 -16.33 2.78
N ALA B 191 -12.12 -15.19 2.30
CA ALA B 191 -13.58 -15.04 2.03
C ALA B 191 -14.47 -15.43 3.16
N PRO B 192 -14.30 -14.83 4.33
CA PRO B 192 -15.16 -15.17 5.48
C PRO B 192 -16.61 -14.74 5.23
N GLU B 193 -16.84 -13.73 4.37
CA GLU B 193 -18.22 -13.24 4.13
C GLU B 193 -19.01 -14.33 3.46
N ILE B 194 -18.38 -15.07 2.56
CA ILE B 194 -19.11 -16.12 1.82
C ILE B 194 -19.18 -17.49 2.56
N ALA B 195 -18.17 -17.77 3.37
CA ALA B 195 -18.13 -18.98 4.22
C ALA B 195 -19.36 -19.08 5.12
N SER B 196 -19.76 -20.30 5.50
CA SER B 196 -20.80 -20.52 6.49
C SER B 196 -20.36 -20.19 7.93
N GLU B 197 -21.30 -20.21 8.88
CA GLU B 197 -20.96 -19.97 10.30
C GLU B 197 -19.85 -20.90 10.81
N GLU B 198 -20.00 -22.19 10.47
CA GLU B 198 -19.14 -23.30 10.85
C GLU B 198 -17.77 -23.08 10.16
N GLU B 199 -17.77 -22.67 8.90
CA GLU B 199 -16.50 -22.53 8.19
C GLU B 199 -15.76 -21.32 8.76
N ARG B 200 -16.48 -20.24 9.08
CA ARG B 200 -15.82 -19.10 9.75
C ARG B 200 -15.27 -19.49 11.12
N LYS B 201 -16.06 -20.22 11.92
CA LYS B 201 -15.60 -20.67 13.25
C LYS B 201 -14.35 -21.52 13.07
N GLY B 202 -14.34 -22.34 12.03
CA GLY B 202 -13.19 -23.19 11.67
C GLY B 202 -11.95 -22.35 11.37
N MET B 203 -12.14 -21.24 10.68
CA MET B 203 -10.93 -20.46 10.33
C MET B 203 -10.31 -19.79 11.54
N VAL B 204 -11.19 -19.34 12.44
CA VAL B 204 -10.76 -18.71 13.71
C VAL B 204 -9.99 -19.77 14.53
N ALA B 205 -10.61 -20.94 14.63
CA ALA B 205 -9.97 -22.04 15.37
C ALA B 205 -8.64 -22.50 14.77
N ALA B 206 -8.52 -22.56 13.43
CA ALA B 206 -7.24 -22.96 12.74
C ALA B 206 -6.11 -21.96 13.09
N TRP B 207 -6.45 -20.69 13.22
CA TRP B 207 -5.44 -19.67 13.65
C TRP B 207 -5.07 -19.85 15.08
N SER B 208 -6.08 -19.95 15.98
CA SER B 208 -5.74 -20.27 17.41
C SER B 208 -4.84 -21.53 17.48
N GLN B 209 -5.21 -22.56 16.77
CA GLN B 209 -4.45 -23.82 16.83
C GLN B 209 -3.03 -23.61 16.33
N ARG B 210 -2.87 -22.90 15.20
CA ARG B 210 -1.53 -22.63 14.67
C ARG B 210 -0.69 -21.89 15.72
N LEU B 211 -1.33 -20.98 16.44
CA LEU B 211 -0.54 -20.15 17.36
C LEU B 211 0.00 -21.01 18.51
N GLN B 212 -0.67 -22.11 18.82
CA GLN B 212 -0.24 -22.98 19.94
C GLN B 212 1.21 -23.42 19.70
N THR B 213 1.59 -23.59 18.42
CA THR B 213 2.95 -24.03 18.13
C THR B 213 3.78 -23.03 17.36
N ILE B 214 3.46 -21.74 17.43
CA ILE B 214 4.07 -20.75 16.54
C ILE B 214 5.61 -20.61 16.74
N TRP B 215 6.07 -20.81 17.96
CA TRP B 215 7.48 -20.64 18.34
C TRP B 215 8.35 -21.80 17.82
N LYS B 216 7.71 -22.87 17.35
CA LYS B 216 8.42 -24.01 16.74
C LYS B 216 8.61 -23.81 15.26
N GLU B 217 7.92 -22.87 14.68
CA GLU B 217 8.02 -22.70 13.20
C GLU B 217 9.31 -22.19 12.72
N GLU B 218 9.70 -22.57 11.50
CA GLU B 218 10.79 -21.90 10.85
C GLU B 218 10.24 -20.85 9.92
N PRO B 219 11.03 -19.82 9.58
CA PRO B 219 10.59 -18.81 8.58
C PRO B 219 10.58 -19.37 7.17
N ILE B 220 9.85 -18.67 6.31
CA ILE B 220 9.93 -18.99 4.87
C ILE B 220 11.23 -18.49 4.28
N PRO B 221 11.65 -19.05 3.14
CA PRO B 221 12.72 -18.44 2.37
C PRO B 221 12.10 -17.26 1.65
N CYS B 222 12.39 -16.05 2.09
CA CYS B 222 11.67 -14.90 1.50
C CYS B 222 12.46 -14.43 0.24
N THR B 223 12.16 -15.14 -0.83
CA THR B 223 12.90 -15.05 -2.13
C THR B 223 11.88 -14.87 -3.22
N ALA B 224 12.36 -14.47 -4.40
CA ALA B 224 11.52 -14.41 -5.55
C ALA B 224 11.05 -15.84 -5.89
N HIS B 225 11.90 -16.87 -5.76
CA HIS B 225 11.44 -18.16 -6.11
C HIS B 225 10.22 -18.58 -5.18
N TRP B 226 10.33 -18.34 -3.86
CA TRP B 226 9.17 -18.72 -2.99
C TRP B 226 7.87 -18.02 -3.47
N HIS B 227 8.00 -16.76 -3.87
CA HIS B 227 6.76 -15.96 -4.21
C HIS B 227 6.20 -16.26 -5.62
N PHE B 228 7.07 -16.60 -6.57
CA PHE B 228 6.72 -16.55 -7.96
C PHE B 228 6.99 -17.84 -8.71
N GLY B 229 7.83 -18.66 -8.10
CA GLY B 229 8.09 -20.00 -8.67
C GLY B 229 9.15 -19.95 -9.78
N GLN B 230 9.22 -21.00 -10.60
CA GLN B 230 10.27 -21.20 -11.66
C GLN B 230 11.28 -22.33 -11.28
#